data_1SDW
#
_entry.id   1SDW
#
_cell.length_a   69.478
_cell.length_b   68.979
_cell.length_c   82.108
_cell.angle_alpha   90.00
_cell.angle_beta   90.00
_cell.angle_gamma   90.00
#
_symmetry.space_group_name_H-M   'P 21 21 21'
#
loop_
_entity.id
_entity.type
_entity.pdbx_description
1 polymer 'Peptidyl-glycine alpha-amidating monooxygenase'
2 non-polymer 'COPPER (II) ION'
3 non-polymer 'NICKEL (II) ION'
4 non-polymer 'OXYGEN MOLECULE'
5 non-polymer N-ALPHA-ACETYL-3,5-DIIODOTYROSYL-D-THREONINE
6 non-polymer GLYCEROL
7 water water
#
_entity_poly.entity_id   1
_entity_poly.type   'polypeptide(L)'
_entity_poly.pdbx_seq_one_letter_code
;FSNECLGTIGPVTPLDASDFALDIRMPGVTPKESDTYFCMSMRLPVDEEAFVIDFKPRASMDTVHHMLLFGCNMPSSTGS
YWFCDEGTCTDKANILYAWARNAPPTRLPKGVGFRVGGETGSKYFVLQVHYGDISAFRDNHKDCSGVSVHLTRVPQPLIA
GMYLMMSVDTVIPPGEKVVNADISCQYKMYPMHVFAYRVHTHHLGKVVSGYRVRNGQWTLIGRQNPQLPQAFYPVEHPVD
VTFGDILAARCVFTGEGRTEATHIGGTSSDEMCNLYIMYYMEAKYALSFMTCTKNVAPDMFRTIPAEANIPIPV
;
_entity_poly.pdbx_strand_id   A
#
loop_
_chem_comp.id
_chem_comp.type
_chem_comp.name
_chem_comp.formula
CU non-polymer 'COPPER (II) ION' 'Cu 2'
GOL non-polymer GLYCEROL 'C3 H8 O3'
NI non-polymer 'NICKEL (II) ION' 'Ni 2'
OXY non-polymer 'OXYGEN MOLECULE' O2
#
# COMPACT_ATOMS: atom_id res chain seq x y z
N ASN A 3 -14.09 -22.50 4.64
CA ASN A 3 -13.12 -23.45 4.01
C ASN A 3 -11.73 -22.81 3.97
N GLU A 4 -10.72 -23.63 3.69
CA GLU A 4 -9.33 -23.17 3.63
C GLU A 4 -8.93 -22.63 4.99
N CYS A 5 -9.84 -22.73 5.96
CA CYS A 5 -9.58 -22.23 7.29
C CYS A 5 -8.43 -22.92 8.01
N LEU A 6 -7.94 -22.20 9.01
CA LEU A 6 -6.82 -22.63 9.83
C LEU A 6 -7.09 -23.97 10.54
N GLY A 7 -6.28 -24.96 10.19
CA GLY A 7 -6.43 -26.29 10.76
C GLY A 7 -5.44 -26.71 11.83
N THR A 8 -5.42 -28.01 12.11
CA THR A 8 -4.53 -28.53 13.13
C THR A 8 -3.05 -28.41 12.82
N ILE A 9 -2.68 -28.09 11.58
CA ILE A 9 -1.26 -27.95 11.24
C ILE A 9 -0.72 -26.56 11.52
N GLY A 10 -1.59 -25.63 11.87
CA GLY A 10 -1.09 -24.31 12.18
C GLY A 10 -0.73 -23.47 10.97
N PRO A 11 -0.29 -22.23 11.20
CA PRO A 11 0.08 -21.26 10.16
C PRO A 11 1.50 -21.24 9.64
N VAL A 12 2.40 -22.02 10.24
CA VAL A 12 3.80 -22.01 9.81
C VAL A 12 4.15 -23.29 9.05
N THR A 13 4.66 -23.14 7.83
CA THR A 13 5.05 -24.27 7.00
C THR A 13 6.57 -24.25 6.82
N PRO A 14 7.28 -25.23 7.38
CA PRO A 14 8.72 -25.23 7.21
C PRO A 14 8.99 -25.48 5.73
N LEU A 15 10.02 -24.84 5.18
CA LEU A 15 10.35 -25.02 3.77
C LEU A 15 11.73 -25.63 3.55
N ASP A 16 12.66 -25.28 4.43
CA ASP A 16 14.02 -25.79 4.37
C ASP A 16 14.72 -25.19 5.58
N ALA A 17 16.02 -25.46 5.70
CA ALA A 17 16.81 -24.97 6.82
C ALA A 17 16.55 -23.52 7.25
N SER A 18 16.43 -22.63 6.27
CA SER A 18 16.24 -21.21 6.61
C SER A 18 15.02 -20.53 6.01
N ASP A 19 14.04 -21.29 5.54
CA ASP A 19 12.83 -20.70 4.95
C ASP A 19 11.55 -21.32 5.48
N PHE A 20 10.52 -20.50 5.60
CA PHE A 20 9.23 -21.01 6.03
C PHE A 20 8.16 -20.09 5.49
N ALA A 21 6.96 -20.62 5.30
CA ALA A 21 5.85 -19.82 4.83
C ALA A 21 4.96 -19.58 6.02
N LEU A 22 4.41 -18.38 6.09
CA LEU A 22 3.53 -18.01 7.19
C LEU A 22 2.17 -17.59 6.60
N ASP A 23 1.11 -18.33 6.96
CA ASP A 23 -0.24 -18.00 6.51
C ASP A 23 -0.88 -17.01 7.47
N ILE A 24 -1.29 -15.88 6.93
CA ILE A 24 -1.91 -14.80 7.71
C ILE A 24 -3.36 -14.77 7.24
N ARG A 25 -4.26 -15.34 8.03
CA ARG A 25 -5.68 -15.45 7.64
C ARG A 25 -6.64 -14.92 8.67
N MET A 26 -7.81 -14.48 8.22
CA MET A 26 -8.86 -14.02 9.13
C MET A 26 -9.28 -15.24 9.97
N PRO A 27 -9.57 -15.04 11.26
CA PRO A 27 -9.97 -16.17 12.10
C PRO A 27 -11.43 -16.61 11.97
N GLY A 28 -11.88 -16.79 10.73
CA GLY A 28 -13.27 -17.17 10.50
C GLY A 28 -14.23 -16.09 10.93
N VAL A 29 -14.24 -14.97 10.22
CA VAL A 29 -15.12 -13.87 10.54
C VAL A 29 -16.33 -13.85 9.62
N THR A 30 -17.34 -13.08 9.99
CA THR A 30 -18.56 -12.97 9.20
C THR A 30 -19.08 -11.54 9.14
N PRO A 31 -18.98 -10.89 7.96
CA PRO A 31 -19.44 -9.53 7.81
C PRO A 31 -20.96 -9.53 7.94
N LYS A 32 -21.51 -8.48 8.53
CA LYS A 32 -22.95 -8.37 8.70
C LYS A 32 -23.45 -7.16 7.90
N GLU A 33 -22.50 -6.48 7.25
CA GLU A 33 -22.80 -5.31 6.45
C GLU A 33 -21.81 -5.29 5.28
N SER A 34 -22.25 -4.80 4.13
CA SER A 34 -21.36 -4.74 2.98
C SER A 34 -20.27 -3.70 3.24
N ASP A 35 -19.20 -3.78 2.47
CA ASP A 35 -18.09 -2.86 2.63
C ASP A 35 -17.59 -2.82 4.07
N THR A 36 -17.36 -3.99 4.63
CA THR A 36 -16.85 -4.09 5.99
C THR A 36 -15.34 -4.32 5.88
N TYR A 37 -14.57 -3.60 6.70
CA TYR A 37 -13.12 -3.74 6.71
C TYR A 37 -12.67 -4.38 8.01
N PHE A 38 -12.16 -5.60 7.92
CA PHE A 38 -11.66 -6.31 9.09
C PHE A 38 -10.14 -6.31 9.11
N CYS A 39 -9.57 -6.19 10.30
CA CYS A 39 -8.14 -6.19 10.54
C CYS A 39 -7.75 -7.27 11.55
N MET A 40 -6.52 -7.78 11.44
CA MET A 40 -6.02 -8.79 12.37
CA MET A 40 -6.01 -8.80 12.35
C MET A 40 -4.50 -8.75 12.31
N SER A 41 -3.85 -9.30 13.32
CA SER A 41 -2.41 -9.28 13.33
C SER A 41 -1.78 -10.61 13.62
N MET A 42 -0.51 -10.74 13.26
CA MET A 42 0.27 -11.94 13.52
CA MET A 42 0.26 -11.93 13.54
C MET A 42 1.67 -11.49 13.90
N ARG A 43 2.14 -11.92 15.05
CA ARG A 43 3.48 -11.53 15.45
C ARG A 43 4.39 -12.43 14.62
N LEU A 44 5.60 -11.97 14.29
CA LEU A 44 6.53 -12.84 13.55
C LEU A 44 6.89 -13.92 14.55
N PRO A 45 7.02 -15.18 14.11
CA PRO A 45 7.38 -16.25 15.06
C PRO A 45 8.84 -16.26 15.48
N VAL A 46 9.68 -15.57 14.69
CA VAL A 46 11.11 -15.50 14.95
C VAL A 46 11.45 -14.09 15.36
N ASP A 47 12.36 -13.94 16.30
CA ASP A 47 12.73 -12.62 16.74
C ASP A 47 13.83 -12.01 15.90
N GLU A 48 14.70 -12.84 15.34
CA GLU A 48 15.80 -12.32 14.53
C GLU A 48 15.31 -11.80 13.17
N GLU A 49 16.20 -11.07 12.51
CA GLU A 49 15.88 -10.50 11.21
C GLU A 49 15.57 -11.55 10.17
N ALA A 50 14.58 -11.26 9.34
CA ALA A 50 14.22 -12.16 8.26
C ALA A 50 13.84 -11.29 7.07
N PHE A 51 13.66 -11.93 5.91
CA PHE A 51 13.33 -11.20 4.72
C PHE A 51 12.07 -11.79 4.10
N VAL A 52 11.13 -10.94 3.71
CA VAL A 52 9.91 -11.42 3.07
C VAL A 52 10.21 -11.37 1.58
N ILE A 53 10.15 -12.52 0.94
CA ILE A 53 10.50 -12.59 -0.47
C ILE A 53 9.43 -13.02 -1.44
N ASP A 54 8.23 -13.30 -0.93
CA ASP A 54 7.12 -13.65 -1.82
C ASP A 54 5.83 -13.57 -1.04
N PHE A 55 4.72 -13.43 -1.75
CA PHE A 55 3.40 -13.32 -1.15
C PHE A 55 2.42 -14.13 -2.03
N LYS A 56 1.51 -14.88 -1.42
CA LYS A 56 0.49 -15.62 -2.17
C LYS A 56 -0.88 -15.33 -1.57
N PRO A 57 -1.80 -14.73 -2.35
CA PRO A 57 -3.14 -14.41 -1.86
C PRO A 57 -4.00 -15.66 -1.72
N ARG A 58 -4.88 -15.63 -0.74
CA ARG A 58 -5.82 -16.72 -0.50
C ARG A 58 -7.12 -16.01 -0.21
N ALA A 59 -7.68 -15.39 -1.25
CA ALA A 59 -8.91 -14.63 -1.12
C ALA A 59 -10.16 -15.39 -1.57
N SER A 60 -11.31 -14.94 -1.07
CA SER A 60 -12.59 -15.54 -1.44
C SER A 60 -13.11 -14.66 -2.58
N MET A 61 -12.92 -15.12 -3.81
CA MET A 61 -13.35 -14.40 -5.00
C MET A 61 -14.80 -13.91 -4.93
N ASP A 62 -15.61 -14.55 -4.08
CA ASP A 62 -17.01 -14.18 -3.95
C ASP A 62 -17.38 -13.09 -2.94
N THR A 63 -16.40 -12.44 -2.32
CA THR A 63 -16.73 -11.41 -1.35
C THR A 63 -15.62 -10.40 -1.06
N VAL A 64 -14.38 -10.86 -1.15
CA VAL A 64 -13.23 -9.99 -0.87
C VAL A 64 -12.97 -9.00 -1.98
N HIS A 65 -13.09 -7.70 -1.66
CA HIS A 65 -12.84 -6.65 -2.63
C HIS A 65 -11.34 -6.35 -2.75
N HIS A 66 -10.65 -6.31 -1.61
CA HIS A 66 -9.21 -6.06 -1.60
C HIS A 66 -8.64 -6.45 -0.25
N MET A 67 -7.32 -6.70 -0.22
CA MET A 67 -6.62 -7.04 1.00
C MET A 67 -5.29 -6.27 0.98
N LEU A 68 -4.85 -5.82 2.13
CA LEU A 68 -3.56 -5.14 2.25
C LEU A 68 -2.81 -5.79 3.39
N LEU A 69 -1.50 -5.91 3.27
CA LEU A 69 -0.71 -6.48 4.34
C LEU A 69 0.32 -5.42 4.71
N PHE A 70 0.45 -5.17 6.01
CA PHE A 70 1.38 -4.19 6.53
C PHE A 70 2.31 -4.80 7.53
N GLY A 71 3.42 -4.11 7.75
CA GLY A 71 4.34 -4.54 8.77
C GLY A 71 4.33 -3.39 9.79
N CYS A 72 4.32 -3.70 11.08
CA CYS A 72 4.37 -2.66 12.08
C CYS A 72 4.77 -3.22 13.43
N ASN A 73 4.93 -2.34 14.42
CA ASN A 73 5.35 -2.80 15.73
C ASN A 73 4.28 -2.75 16.81
N MET A 74 3.16 -2.11 16.55
CA MET A 74 2.10 -2.06 17.54
C MET A 74 0.72 -2.07 16.91
N PRO A 75 0.14 -3.27 16.71
CA PRO A 75 -1.18 -3.33 16.11
C PRO A 75 -2.15 -2.49 16.94
N SER A 76 -3.17 -1.93 16.31
CA SER A 76 -4.10 -1.06 17.03
C SER A 76 -4.99 -1.75 18.05
N SER A 77 -5.17 -3.06 17.92
CA SER A 77 -5.99 -3.80 18.86
C SER A 77 -5.31 -5.09 19.27
N THR A 78 -5.62 -5.57 20.47
CA THR A 78 -5.03 -6.81 20.95
C THR A 78 -6.02 -7.94 20.67
N GLY A 79 -7.15 -7.59 20.08
CA GLY A 79 -8.18 -8.57 19.77
C GLY A 79 -7.86 -9.57 18.69
N SER A 80 -8.72 -10.59 18.56
CA SER A 80 -8.60 -11.65 17.56
C SER A 80 -8.63 -11.04 16.17
N TYR A 81 -9.48 -10.01 16.05
CA TYR A 81 -9.65 -9.24 14.82
C TYR A 81 -10.43 -8.01 15.25
N TRP A 82 -10.46 -6.97 14.42
CA TRP A 82 -11.17 -5.76 14.78
C TRP A 82 -11.58 -5.01 13.52
N PHE A 83 -12.40 -3.97 13.67
CA PHE A 83 -12.82 -3.18 12.52
C PHE A 83 -11.69 -2.23 12.26
N CYS A 84 -11.23 -2.14 11.03
CA CYS A 84 -10.11 -1.27 10.76
C CYS A 84 -10.37 0.23 11.02
N ASP A 85 -11.61 0.59 11.31
CA ASP A 85 -11.94 1.99 11.60
C ASP A 85 -11.30 2.38 12.93
N GLU A 86 -10.93 1.38 13.71
CA GLU A 86 -10.29 1.61 15.00
C GLU A 86 -8.82 1.92 14.73
N GLY A 87 -8.35 1.49 13.55
CA GLY A 87 -6.97 1.73 13.17
C GLY A 87 -6.28 0.45 12.73
N THR A 88 -5.08 0.59 12.18
CA THR A 88 -4.30 -0.55 11.73
C THR A 88 -3.24 -0.76 12.78
N CYS A 89 -2.36 0.23 12.94
CA CYS A 89 -1.31 0.19 13.94
C CYS A 89 -1.23 1.54 14.65
N THR A 90 -0.78 1.51 15.89
CA THR A 90 -0.64 2.71 16.69
C THR A 90 0.57 3.43 16.09
N ASP A 91 1.63 2.68 15.76
CA ASP A 91 2.80 3.29 15.14
C ASP A 91 2.50 3.37 13.65
N LYS A 92 3.42 3.88 12.85
CA LYS A 92 3.19 4.02 11.42
C LYS A 92 3.38 2.70 10.67
N ALA A 93 2.30 2.20 10.08
CA ALA A 93 2.35 0.93 9.38
C ALA A 93 3.05 1.07 8.03
N ASN A 94 3.76 0.02 7.63
CA ASN A 94 4.47 -0.01 6.37
C ASN A 94 3.75 -1.01 5.47
N ILE A 95 3.17 -0.54 4.37
CA ILE A 95 2.46 -1.42 3.48
C ILE A 95 3.48 -2.30 2.74
N LEU A 96 3.17 -3.58 2.66
CA LEU A 96 4.06 -4.53 2.01
C LEU A 96 3.44 -5.13 0.76
N TYR A 97 2.12 -5.21 0.74
CA TYR A 97 1.44 -5.94 -0.31
C TYR A 97 -0.01 -5.55 -0.43
N ALA A 98 -0.52 -5.56 -1.65
CA ALA A 98 -1.92 -5.22 -1.85
C ALA A 98 -2.47 -6.22 -2.84
N TRP A 99 -3.67 -6.70 -2.58
CA TRP A 99 -4.32 -7.63 -3.49
C TRP A 99 -5.62 -6.94 -3.82
N ALA A 100 -5.86 -6.71 -5.10
CA ALA A 100 -7.10 -6.06 -5.48
C ALA A 100 -7.86 -6.97 -6.42
N ARG A 101 -9.16 -7.12 -6.14
CA ARG A 101 -10.01 -7.97 -6.98
C ARG A 101 -9.98 -7.38 -8.39
N ASN A 102 -9.70 -8.21 -9.38
CA ASN A 102 -9.69 -7.80 -10.80
C ASN A 102 -8.45 -7.13 -11.38
N ALA A 103 -7.33 -7.19 -10.67
CA ALA A 103 -6.08 -6.64 -11.14
C ALA A 103 -5.04 -7.44 -10.36
N PRO A 104 -4.67 -8.62 -10.89
CA PRO A 104 -3.70 -9.55 -10.29
C PRO A 104 -2.36 -8.92 -9.87
N PRO A 105 -1.87 -9.26 -8.67
CA PRO A 105 -0.60 -8.70 -8.23
C PRO A 105 0.60 -9.17 -9.06
N THR A 106 1.68 -8.41 -8.97
CA THR A 106 2.91 -8.73 -9.67
C THR A 106 3.91 -9.18 -8.61
N ARG A 107 4.68 -10.20 -8.94
CA ARG A 107 5.66 -10.77 -8.04
C ARG A 107 6.86 -9.84 -7.79
N LEU A 108 7.50 -9.96 -6.63
CA LEU A 108 8.72 -9.19 -6.36
C LEU A 108 9.84 -9.68 -7.27
N PRO A 109 10.75 -8.79 -7.68
CA PRO A 109 11.87 -9.22 -8.54
C PRO A 109 12.73 -10.20 -7.73
N LYS A 110 13.29 -11.24 -8.36
CA LYS A 110 14.11 -12.17 -7.58
C LYS A 110 15.32 -11.43 -7.01
N GLY A 111 15.69 -11.76 -5.77
CA GLY A 111 16.81 -11.11 -5.13
C GLY A 111 16.36 -9.88 -4.31
N VAL A 112 15.07 -9.56 -4.36
CA VAL A 112 14.55 -8.42 -3.62
C VAL A 112 13.69 -8.90 -2.45
N GLY A 113 13.88 -8.32 -1.27
CA GLY A 113 13.02 -8.73 -0.17
C GLY A 113 12.80 -7.60 0.81
N PHE A 114 11.73 -7.64 1.59
CA PHE A 114 11.49 -6.62 2.60
C PHE A 114 12.16 -7.14 3.87
N ARG A 115 12.85 -6.27 4.61
CA ARG A 115 13.44 -6.77 5.85
C ARG A 115 12.44 -6.56 6.97
N VAL A 116 12.31 -7.58 7.80
CA VAL A 116 11.39 -7.52 8.93
C VAL A 116 12.05 -8.11 10.19
N GLY A 117 11.37 -8.00 11.32
CA GLY A 117 11.91 -8.53 12.56
C GLY A 117 13.25 -7.94 12.96
N GLY A 118 13.93 -8.64 13.88
CA GLY A 118 15.23 -8.16 14.31
C GLY A 118 15.07 -6.95 15.19
N GLU A 119 16.13 -6.14 15.29
CA GLU A 119 16.11 -4.96 16.15
C GLU A 119 15.31 -3.78 15.61
N THR A 120 15.30 -3.58 14.30
CA THR A 120 14.59 -2.44 13.75
C THR A 120 13.47 -2.76 12.75
N GLY A 121 13.29 -4.03 12.40
CA GLY A 121 12.24 -4.37 11.44
C GLY A 121 10.90 -4.59 12.13
N SER A 122 9.82 -4.65 11.35
CA SER A 122 8.48 -4.86 11.90
C SER A 122 8.41 -6.14 12.69
N LYS A 123 7.73 -6.10 13.83
CA LYS A 123 7.60 -7.29 14.66
C LYS A 123 6.26 -7.97 14.38
N TYR A 124 5.35 -7.24 13.76
CA TYR A 124 4.02 -7.79 13.40
C TYR A 124 3.63 -7.57 11.96
N PHE A 125 2.72 -8.41 11.48
CA PHE A 125 2.12 -8.28 10.18
C PHE A 125 0.69 -7.92 10.58
N VAL A 126 0.06 -7.01 9.85
CA VAL A 126 -1.33 -6.66 10.10
C VAL A 126 -2.01 -6.79 8.74
N LEU A 127 -3.09 -7.58 8.70
CA LEU A 127 -3.83 -7.84 7.47
C LEU A 127 -5.16 -7.11 7.47
N GLN A 128 -5.46 -6.42 6.39
CA GLN A 128 -6.75 -5.73 6.27
C GLN A 128 -7.48 -6.44 5.15
N VAL A 129 -8.74 -6.82 5.39
CA VAL A 129 -9.51 -7.49 4.35
C VAL A 129 -10.82 -6.72 4.18
N HIS A 130 -11.04 -6.27 2.94
CA HIS A 130 -12.23 -5.50 2.62
C HIS A 130 -13.29 -6.40 2.03
N TYR A 131 -14.42 -6.55 2.73
CA TYR A 131 -15.51 -7.37 2.25
C TYR A 131 -16.52 -6.46 1.55
N GLY A 132 -16.75 -6.73 0.27
CA GLY A 132 -17.69 -5.93 -0.48
C GLY A 132 -19.09 -6.51 -0.46
N ASP A 133 -19.31 -7.50 -1.31
CA ASP A 133 -20.60 -8.18 -1.44
C ASP A 133 -20.82 -9.23 -0.37
N ILE A 134 -21.43 -8.81 0.75
CA ILE A 134 -21.70 -9.71 1.86
C ILE A 134 -22.88 -10.63 1.63
N SER A 135 -23.20 -10.90 0.36
CA SER A 135 -24.32 -11.77 0.03
C SER A 135 -23.95 -13.23 0.28
N ALA A 136 -22.75 -13.60 -0.13
CA ALA A 136 -22.27 -14.97 0.05
C ALA A 136 -22.30 -15.39 1.51
N PHE A 137 -22.50 -14.42 2.40
CA PHE A 137 -22.55 -14.72 3.83
C PHE A 137 -23.97 -14.98 4.33
N ARG A 138 -24.81 -15.47 3.43
CA ARG A 138 -26.18 -15.80 3.80
C ARG A 138 -26.04 -17.07 4.65
N ASP A 139 -25.01 -17.85 4.35
CA ASP A 139 -24.72 -19.09 5.07
C ASP A 139 -24.29 -18.74 6.49
N ASN A 140 -23.95 -17.47 6.69
CA ASN A 140 -23.49 -17.01 7.99
C ASN A 140 -22.22 -17.78 8.31
N HIS A 141 -21.58 -18.28 7.24
CA HIS A 141 -20.35 -19.04 7.39
C HIS A 141 -19.17 -18.12 7.73
N LYS A 142 -18.08 -18.72 8.19
CA LYS A 142 -16.90 -17.96 8.56
C LYS A 142 -15.91 -17.87 7.41
N ASP A 143 -15.29 -16.70 7.24
CA ASP A 143 -14.30 -16.51 6.19
C ASP A 143 -12.88 -16.49 6.74
N CYS A 144 -11.97 -17.16 6.06
CA CYS A 144 -10.58 -17.21 6.47
C CYS A 144 -9.64 -16.70 5.38
N SER A 145 -10.06 -15.65 4.67
CA SER A 145 -9.25 -15.08 3.60
C SER A 145 -7.97 -14.49 4.18
N GLY A 146 -6.92 -14.48 3.36
CA GLY A 146 -5.68 -13.93 3.83
C GLY A 146 -4.58 -14.02 2.80
N VAL A 147 -3.34 -13.98 3.27
CA VAL A 147 -2.17 -14.01 2.42
C VAL A 147 -1.08 -14.83 3.07
N SER A 148 -0.34 -15.57 2.25
CA SER A 148 0.78 -16.38 2.73
CA SER A 148 0.78 -16.38 2.73
C SER A 148 2.07 -15.64 2.39
N VAL A 149 3.01 -15.57 3.34
CA VAL A 149 4.26 -14.90 3.04
C VAL A 149 5.42 -15.88 3.18
N HIS A 150 6.38 -15.75 2.28
CA HIS A 150 7.56 -16.60 2.28
C HIS A 150 8.70 -15.84 2.97
N LEU A 151 9.12 -16.32 4.14
CA LEU A 151 10.18 -15.68 4.90
CA LEU A 151 10.18 -15.66 4.88
C LEU A 151 11.48 -16.45 4.81
N THR A 152 12.60 -15.73 4.81
CA THR A 152 13.90 -16.39 4.77
C THR A 152 14.86 -15.65 5.65
N ARG A 153 15.84 -16.38 6.16
CA ARG A 153 16.87 -15.82 7.02
C ARG A 153 18.02 -15.36 6.11
N VAL A 154 18.02 -15.86 4.89
CA VAL A 154 19.08 -15.54 3.95
C VAL A 154 19.04 -14.08 3.55
N PRO A 155 20.12 -13.31 3.80
CA PRO A 155 20.12 -11.89 3.42
C PRO A 155 19.93 -11.72 1.91
N GLN A 156 19.09 -10.77 1.52
CA GLN A 156 18.80 -10.50 0.12
C GLN A 156 19.75 -9.37 -0.35
N PRO A 157 20.22 -9.44 -1.61
CA PRO A 157 21.13 -8.40 -2.12
C PRO A 157 20.42 -7.08 -2.37
N LEU A 158 19.11 -7.11 -2.57
CA LEU A 158 18.35 -5.87 -2.81
C LEU A 158 17.25 -5.85 -1.78
N ILE A 159 16.98 -4.68 -1.19
CA ILE A 159 15.98 -4.55 -0.14
C ILE A 159 14.89 -3.68 -0.66
N ALA A 160 13.63 -4.14 -0.53
CA ALA A 160 12.49 -3.37 -1.00
C ALA A 160 12.07 -2.40 0.10
N GLY A 161 11.53 -1.26 -0.32
CA GLY A 161 11.10 -0.24 0.63
C GLY A 161 9.91 0.47 0.01
N MET A 162 9.40 1.45 0.72
CA MET A 162 8.22 2.17 0.26
C MET A 162 8.43 3.66 0.43
N TYR A 163 8.12 4.43 -0.61
CA TYR A 163 8.23 5.88 -0.48
C TYR A 163 6.79 6.34 -0.62
N LEU A 164 6.22 6.86 0.46
CA LEU A 164 4.83 7.33 0.43
C LEU A 164 4.73 8.86 0.28
N MET A 165 4.03 9.32 -0.76
CA MET A 165 3.79 10.75 -0.98
C MET A 165 2.32 10.96 -0.62
N MET A 166 2.03 11.85 0.34
CA MET A 166 0.64 12.06 0.72
C MET A 166 0.34 13.53 1.05
N SER A 167 -0.92 13.90 0.89
CA SER A 167 -1.36 15.27 1.16
C SER A 167 -2.02 15.29 2.52
N VAL A 168 -1.90 16.42 3.21
CA VAL A 168 -2.51 16.56 4.51
C VAL A 168 -3.39 17.81 4.59
N ASP A 169 -3.11 18.81 3.75
CA ASP A 169 -3.86 20.06 3.83
C ASP A 169 -4.87 20.38 2.75
N THR A 170 -5.11 19.44 1.85
CA THR A 170 -6.05 19.67 0.76
C THR A 170 -7.47 20.04 1.19
N VAL A 171 -8.08 20.97 0.46
CA VAL A 171 -9.47 21.34 0.74
C VAL A 171 -10.12 21.45 -0.62
N ILE A 172 -11.22 20.73 -0.78
CA ILE A 172 -11.95 20.66 -2.05
C ILE A 172 -13.30 21.36 -1.88
N PRO A 173 -13.41 22.62 -2.34
CA PRO A 173 -14.68 23.35 -2.22
C PRO A 173 -15.78 22.61 -2.96
N PRO A 174 -17.02 22.64 -2.44
CA PRO A 174 -18.12 21.93 -3.12
C PRO A 174 -18.40 22.40 -4.55
N GLY A 175 -18.66 21.45 -5.43
CA GLY A 175 -18.96 21.79 -6.81
C GLY A 175 -17.74 22.24 -7.61
N GLU A 176 -16.62 22.49 -6.95
CA GLU A 176 -15.41 22.91 -7.63
C GLU A 176 -15.06 21.91 -8.73
N LYS A 177 -14.92 22.42 -9.96
CA LYS A 177 -14.60 21.58 -11.11
C LYS A 177 -13.26 20.85 -10.98
N VAL A 178 -12.21 21.58 -10.60
CA VAL A 178 -10.90 20.96 -10.49
C VAL A 178 -10.07 21.47 -9.34
N VAL A 179 -9.59 20.54 -8.51
CA VAL A 179 -8.72 20.89 -7.40
C VAL A 179 -7.50 19.96 -7.47
N ASN A 180 -6.31 20.53 -7.53
CA ASN A 180 -5.08 19.74 -7.58
C ASN A 180 -4.47 19.66 -6.21
N ALA A 181 -3.98 18.48 -5.83
CA ALA A 181 -3.29 18.33 -4.56
C ALA A 181 -1.87 18.04 -5.04
N ASP A 182 -0.92 18.92 -4.72
CA ASP A 182 0.47 18.74 -5.16
C ASP A 182 1.39 18.37 -4.00
N ILE A 183 2.31 17.46 -4.26
CA ILE A 183 3.22 16.99 -3.22
C ILE A 183 4.61 16.97 -3.85
N SER A 184 5.62 17.41 -3.11
CA SER A 184 6.98 17.40 -3.64
C SER A 184 8.03 17.50 -2.54
N CYS A 185 9.09 16.75 -2.72
CA CYS A 185 10.19 16.69 -1.77
CA CYS A 185 10.20 16.72 -1.77
C CYS A 185 11.48 16.44 -2.51
N GLN A 186 12.59 16.86 -1.91
CA GLN A 186 13.86 16.60 -2.58
C GLN A 186 14.33 15.27 -2.00
N TYR A 187 14.93 14.47 -2.86
CA TYR A 187 15.41 13.15 -2.45
C TYR A 187 16.87 13.27 -2.00
N LYS A 188 17.19 12.77 -0.81
CA LYS A 188 18.54 12.86 -0.26
C LYS A 188 19.14 11.60 0.32
N MET A 189 18.89 10.46 -0.33
CA MET A 189 19.42 9.20 0.15
C MET A 189 20.15 8.53 -0.99
N TYR A 190 20.61 7.30 -0.80
CA TYR A 190 21.28 6.58 -1.87
C TYR A 190 20.21 6.31 -2.91
N PRO A 191 20.61 6.00 -4.15
CA PRO A 191 19.66 5.74 -5.23
C PRO A 191 18.63 4.65 -4.91
N MET A 192 17.39 4.86 -5.33
CA MET A 192 16.35 3.85 -5.18
C MET A 192 15.84 3.60 -6.60
N HIS A 193 15.45 2.37 -6.91
CA HIS A 193 14.88 2.07 -8.22
C HIS A 193 13.43 1.69 -8.01
N VAL A 194 12.54 2.45 -8.63
CA VAL A 194 11.13 2.19 -8.46
C VAL A 194 10.69 1.04 -9.34
N PHE A 195 9.97 0.07 -8.77
CA PHE A 195 9.51 -1.02 -9.61
C PHE A 195 8.02 -1.23 -9.59
N ALA A 196 7.31 -0.59 -8.65
CA ALA A 196 5.85 -0.77 -8.61
C ALA A 196 5.24 0.46 -7.93
N TYR A 197 3.95 0.72 -8.15
CA TYR A 197 3.33 1.88 -7.48
C TYR A 197 1.86 1.61 -7.25
N ARG A 198 1.29 2.27 -6.25
CA ARG A 198 -0.14 2.10 -5.96
C ARG A 198 -0.67 3.50 -5.68
N VAL A 199 -1.92 3.76 -6.07
CA VAL A 199 -2.50 5.07 -5.79
C VAL A 199 -3.72 4.87 -4.92
N HIS A 200 -4.04 5.88 -4.12
CA HIS A 200 -5.20 5.75 -3.30
C HIS A 200 -5.84 7.12 -3.08
N THR A 201 -7.16 7.20 -3.31
CA THR A 201 -7.96 8.41 -3.06
C THR A 201 -9.32 7.83 -2.80
N HIS A 202 -10.26 8.68 -2.43
CA HIS A 202 -11.61 8.18 -2.23
C HIS A 202 -12.42 8.49 -3.49
N HIS A 203 -13.74 8.60 -3.38
CA HIS A 203 -14.54 8.81 -4.59
C HIS A 203 -14.34 10.05 -5.46
N LEU A 204 -13.76 11.12 -4.93
CA LEU A 204 -13.56 12.33 -5.74
C LEU A 204 -12.29 12.34 -6.57
N GLY A 205 -11.43 11.34 -6.38
CA GLY A 205 -10.19 11.31 -7.12
C GLY A 205 -10.38 10.94 -8.59
N LYS A 206 -9.73 11.69 -9.48
CA LYS A 206 -9.85 11.44 -10.93
C LYS A 206 -8.56 10.85 -11.52
N VAL A 207 -7.41 11.39 -11.10
CA VAL A 207 -6.14 10.90 -11.60
C VAL A 207 -5.06 11.19 -10.58
N VAL A 208 -4.10 10.27 -10.46
CA VAL A 208 -2.98 10.42 -9.53
C VAL A 208 -1.73 10.08 -10.31
N SER A 209 -0.77 11.00 -10.33
CA SER A 209 0.49 10.80 -11.04
C SER A 209 1.68 11.19 -10.19
N GLY A 210 2.80 10.51 -10.40
CA GLY A 210 4.02 10.83 -9.67
C GLY A 210 5.18 10.88 -10.67
N TYR A 211 6.15 11.76 -10.43
CA TYR A 211 7.29 11.93 -11.32
C TYR A 211 8.60 12.12 -10.55
N ARG A 212 9.70 11.86 -11.24
CA ARG A 212 11.02 12.16 -10.71
C ARG A 212 11.38 13.37 -11.58
N VAL A 213 11.83 14.43 -10.95
CA VAL A 213 12.19 15.64 -11.70
C VAL A 213 13.68 15.88 -11.52
N ARG A 214 14.41 15.91 -12.62
CA ARG A 214 15.87 16.10 -12.58
C ARG A 214 16.26 17.14 -13.64
N ASN A 215 17.05 18.13 -13.24
CA ASN A 215 17.48 19.18 -14.17
C ASN A 215 16.23 19.69 -14.90
N GLY A 216 15.17 19.91 -14.14
CA GLY A 216 13.93 20.41 -14.71
C GLY A 216 13.15 19.45 -15.58
N GLN A 217 13.69 18.26 -15.86
CA GLN A 217 12.99 17.31 -16.71
C GLN A 217 12.16 16.31 -15.89
N TRP A 218 10.92 16.10 -16.33
CA TRP A 218 9.98 15.22 -15.67
C TRP A 218 9.94 13.83 -16.25
N THR A 219 10.20 12.83 -15.40
CA THR A 219 10.15 11.42 -15.83
C THR A 219 9.02 10.76 -15.05
N LEU A 220 8.08 10.18 -15.78
CA LEU A 220 6.94 9.55 -15.16
C LEU A 220 7.30 8.30 -14.34
N ILE A 221 6.75 8.24 -13.13
CA ILE A 221 6.98 7.06 -12.32
C ILE A 221 5.72 6.21 -12.49
N GLY A 222 4.56 6.83 -12.29
CA GLY A 222 3.31 6.12 -12.48
C GLY A 222 2.15 7.10 -12.60
N ARG A 223 1.09 6.66 -13.27
CA ARG A 223 -0.10 7.50 -13.50
C ARG A 223 -1.29 6.55 -13.51
N GLN A 224 -2.29 6.80 -12.69
CA GLN A 224 -3.43 5.88 -12.63
CA GLN A 224 -3.44 5.88 -12.65
C GLN A 224 -4.73 6.52 -12.17
N ASN A 225 -5.85 5.92 -12.57
CA ASN A 225 -7.17 6.39 -12.19
C ASN A 225 -7.36 5.69 -10.85
N PRO A 226 -7.53 6.46 -9.74
CA PRO A 226 -7.72 5.82 -8.43
C PRO A 226 -9.05 5.08 -8.28
N GLN A 227 -9.93 5.22 -9.28
CA GLN A 227 -11.22 4.52 -9.20
C GLN A 227 -11.06 3.09 -9.74
N LEU A 228 -9.92 2.83 -10.38
CA LEU A 228 -9.59 1.48 -10.86
C LEU A 228 -9.07 0.70 -9.64
N PRO A 229 -8.99 -0.64 -9.74
CA PRO A 229 -8.49 -1.42 -8.60
C PRO A 229 -7.16 -0.88 -8.09
N GLN A 230 -7.08 -0.66 -6.77
CA GLN A 230 -5.88 -0.09 -6.17
C GLN A 230 -4.81 -1.10 -5.78
N ALA A 231 -4.28 -1.76 -6.80
CA ALA A 231 -3.22 -2.74 -6.62
C ALA A 231 -1.88 -2.04 -6.82
N PHE A 232 -0.80 -2.76 -6.57
CA PHE A 232 0.48 -2.19 -6.91
C PHE A 232 0.61 -2.58 -8.38
N TYR A 233 0.86 -1.61 -9.24
CA TYR A 233 1.05 -1.88 -10.68
C TYR A 233 2.53 -1.75 -10.99
N PRO A 234 3.06 -2.60 -11.89
CA PRO A 234 4.48 -2.48 -12.21
C PRO A 234 4.76 -1.17 -12.93
N VAL A 235 5.96 -0.64 -12.75
CA VAL A 235 6.31 0.58 -13.44
C VAL A 235 6.56 0.22 -14.90
N GLU A 236 6.19 1.11 -15.83
CA GLU A 236 6.39 0.87 -17.26
C GLU A 236 7.87 0.65 -17.56
N HIS A 237 8.70 1.55 -17.04
CA HIS A 237 10.15 1.47 -17.23
C HIS A 237 10.87 1.68 -15.90
N PRO A 238 11.91 0.90 -15.61
CA PRO A 238 12.63 1.09 -14.35
C PRO A 238 13.04 2.57 -14.25
N VAL A 239 12.95 3.16 -13.06
CA VAL A 239 13.32 4.57 -12.88
C VAL A 239 14.10 4.75 -11.59
N ASP A 240 15.33 5.27 -11.67
CA ASP A 240 16.08 5.52 -10.43
C ASP A 240 15.78 6.93 -9.93
N VAL A 241 15.80 7.10 -8.61
CA VAL A 241 15.62 8.41 -7.99
C VAL A 241 16.92 8.56 -7.18
N THR A 242 17.65 9.63 -7.45
CA THR A 242 18.96 9.85 -6.84
C THR A 242 19.06 11.19 -6.13
N PHE A 243 20.03 11.25 -5.21
CA PHE A 243 20.30 12.43 -4.39
C PHE A 243 20.25 13.65 -5.27
N GLY A 244 19.42 14.60 -4.90
CA GLY A 244 19.28 15.81 -5.69
C GLY A 244 17.98 15.87 -6.49
N ASP A 245 17.43 14.72 -6.85
CA ASP A 245 16.19 14.71 -7.63
C ASP A 245 15.03 15.21 -6.77
N ILE A 246 13.95 15.61 -7.43
CA ILE A 246 12.77 16.01 -6.67
C ILE A 246 11.67 15.04 -7.07
N LEU A 247 10.94 14.52 -6.09
CA LEU A 247 9.81 13.64 -6.37
C LEU A 247 8.62 14.58 -6.33
N ALA A 248 7.75 14.46 -7.33
CA ALA A 248 6.58 15.30 -7.42
C ALA A 248 5.37 14.46 -7.79
N ALA A 249 4.27 14.70 -7.08
CA ALA A 249 3.04 13.98 -7.36
C ALA A 249 1.85 14.94 -7.31
N ARG A 250 0.83 14.62 -8.09
CA ARG A 250 -0.37 15.40 -8.14
C ARG A 250 -1.58 14.51 -8.22
N CYS A 251 -2.57 14.81 -7.39
CA CYS A 251 -3.85 14.10 -7.40
CA CYS A 251 -3.82 14.10 -7.42
C CYS A 251 -4.82 15.15 -7.89
N VAL A 252 -5.67 14.76 -8.83
CA VAL A 252 -6.67 15.68 -9.35
C VAL A 252 -8.01 15.28 -8.80
N PHE A 253 -8.67 16.22 -8.11
CA PHE A 253 -9.98 15.97 -7.53
C PHE A 253 -11.04 16.90 -8.14
N THR A 254 -12.31 16.57 -7.88
CA THR A 254 -13.42 17.42 -8.29
C THR A 254 -14.27 17.50 -7.02
N GLY A 255 -15.00 18.60 -6.86
CA GLY A 255 -15.87 18.73 -5.72
C GLY A 255 -17.30 18.51 -6.20
N GLU A 256 -17.47 18.22 -7.49
CA GLU A 256 -18.82 18.03 -8.02
C GLU A 256 -19.59 16.90 -7.34
N GLY A 257 -20.83 17.20 -6.98
CA GLY A 257 -21.67 16.22 -6.31
C GLY A 257 -21.69 16.37 -4.79
N ARG A 258 -20.80 17.17 -4.23
CA ARG A 258 -20.76 17.36 -2.79
C ARG A 258 -21.41 18.69 -2.42
N THR A 259 -22.03 18.74 -1.25
CA THR A 259 -22.68 19.97 -0.85
C THR A 259 -21.78 20.80 0.05
N GLU A 260 -20.78 20.16 0.66
CA GLU A 260 -19.86 20.88 1.52
C GLU A 260 -18.41 20.60 1.09
N ALA A 261 -17.47 21.31 1.68
CA ALA A 261 -16.06 21.13 1.36
C ALA A 261 -15.59 19.76 1.84
N THR A 262 -14.63 19.19 1.11
CA THR A 262 -14.05 17.90 1.46
C THR A 262 -12.57 18.12 1.79
N HIS A 263 -12.14 17.62 2.96
CA HIS A 263 -10.74 17.77 3.37
C HIS A 263 -10.14 16.36 3.55
N ILE A 264 -8.87 16.29 3.95
CA ILE A 264 -8.19 15.01 4.13
C ILE A 264 -8.72 14.34 5.37
N GLY A 265 -9.01 13.04 5.29
CA GLY A 265 -9.52 12.33 6.46
C GLY A 265 -9.81 10.86 6.16
N GLY A 266 -10.21 10.11 7.18
CA GLY A 266 -10.44 8.68 6.99
C GLY A 266 -11.83 8.18 6.61
N THR A 267 -12.81 9.06 6.46
CA THR A 267 -14.14 8.58 6.11
C THR A 267 -14.44 8.78 4.63
N SER A 268 -15.52 8.17 4.16
CA SER A 268 -15.93 8.28 2.76
C SER A 268 -16.31 9.70 2.36
N SER A 269 -16.62 10.54 3.35
CA SER A 269 -16.98 11.92 3.05
C SER A 269 -15.70 12.80 3.03
N ASP A 270 -14.55 12.19 3.35
CA ASP A 270 -13.26 12.87 3.32
C ASP A 270 -12.47 12.32 2.14
N GLU A 271 -11.30 12.90 1.87
CA GLU A 271 -10.46 12.42 0.79
C GLU A 271 -9.05 12.07 1.26
N MET A 272 -8.30 11.44 0.38
CA MET A 272 -6.91 11.11 0.62
C MET A 272 -6.24 11.23 -0.72
N CYS A 273 -4.96 11.59 -0.71
CA CYS A 273 -4.20 11.68 -1.91
C CYS A 273 -2.90 10.94 -1.58
N ASN A 274 -2.81 9.67 -2.00
CA ASN A 274 -1.62 8.85 -1.73
C ASN A 274 -1.01 8.27 -2.98
N LEU A 275 0.31 8.28 -3.04
CA LEU A 275 1.05 7.62 -4.11
C LEU A 275 2.12 6.82 -3.37
N TYR A 276 2.01 5.50 -3.44
CA TYR A 276 2.95 4.60 -2.80
C TYR A 276 3.94 4.17 -3.87
N ILE A 277 5.21 4.49 -3.68
CA ILE A 277 6.24 4.15 -4.66
C ILE A 277 7.07 3.01 -4.07
N MET A 278 6.96 1.81 -4.64
CA MET A 278 7.69 0.67 -4.11
C MET A 278 9.02 0.58 -4.84
N TYR A 279 10.10 0.46 -4.08
CA TYR A 279 11.43 0.48 -4.68
C TYR A 279 12.37 -0.54 -4.08
N TYR A 280 13.52 -0.72 -4.72
CA TYR A 280 14.54 -1.58 -4.15
C TYR A 280 15.81 -0.76 -4.10
N MET A 281 16.69 -1.13 -3.17
CA MET A 281 17.98 -0.44 -3.00
C MET A 281 19.00 -1.51 -2.69
N GLU A 282 20.27 -1.25 -3.01
CA GLU A 282 21.33 -2.19 -2.69
C GLU A 282 21.29 -2.36 -1.17
N ALA A 283 21.49 -3.58 -0.69
CA ALA A 283 21.41 -3.86 0.73
C ALA A 283 22.22 -2.94 1.64
N LYS A 284 23.48 -2.67 1.28
CA LYS A 284 24.28 -1.80 2.16
C LYS A 284 23.89 -0.32 2.17
N TYR A 285 23.00 0.10 1.27
CA TYR A 285 22.58 1.50 1.23
C TYR A 285 21.12 1.67 1.59
N ALA A 286 20.42 0.57 1.74
CA ALA A 286 18.98 0.59 1.93
C ALA A 286 18.35 1.10 3.19
N LEU A 287 17.21 1.77 3.03
CA LEU A 287 16.40 2.17 4.17
C LEU A 287 15.02 1.68 3.71
N SER A 288 14.20 1.25 4.64
CA SER A 288 12.93 0.63 4.30
C SER A 288 11.72 1.52 4.02
N PHE A 289 11.80 2.79 4.43
CA PHE A 289 10.66 3.64 4.21
C PHE A 289 10.97 5.11 4.30
N MET A 290 10.28 5.87 3.47
CA MET A 290 10.42 7.33 3.41
C MET A 290 9.03 7.88 3.16
N THR A 291 8.84 9.14 3.53
CA THR A 291 7.54 9.76 3.35
C THR A 291 7.74 11.22 2.99
N CYS A 292 6.82 11.74 2.19
CA CYS A 292 6.83 13.14 1.83
C CYS A 292 5.41 13.61 2.10
N THR A 293 5.25 14.63 2.93
CA THR A 293 3.94 15.16 3.23
C THR A 293 3.91 16.67 2.92
N LYS A 294 4.94 17.14 2.22
CA LYS A 294 5.04 18.56 1.91
C LYS A 294 5.02 18.83 0.43
N ASN A 295 5.19 20.11 0.11
CA ASN A 295 5.24 20.58 -1.25
C ASN A 295 6.33 21.65 -1.22
N VAL A 296 7.59 21.21 -1.31
CA VAL A 296 8.74 22.11 -1.25
C VAL A 296 8.94 23.01 -2.46
N ALA A 297 8.61 22.53 -3.64
CA ALA A 297 8.80 23.34 -4.84
C ALA A 297 7.48 23.55 -5.55
N PRO A 298 6.57 24.31 -4.91
CA PRO A 298 5.24 24.59 -5.46
C PRO A 298 5.24 25.09 -6.88
N ASP A 299 6.15 26.00 -7.18
CA ASP A 299 6.19 26.61 -8.51
C ASP A 299 6.62 25.67 -9.63
N MET A 300 7.31 24.60 -9.25
CA MET A 300 7.76 23.63 -10.23
C MET A 300 6.62 23.03 -11.02
N PHE A 301 5.43 22.96 -10.43
CA PHE A 301 4.31 22.34 -11.12
C PHE A 301 3.79 23.08 -12.35
N ARG A 302 4.31 24.26 -12.64
CA ARG A 302 3.89 24.97 -13.83
C ARG A 302 4.40 24.22 -15.06
N THR A 303 5.37 23.32 -14.86
CA THR A 303 5.90 22.55 -15.98
C THR A 303 5.52 21.07 -15.95
N ILE A 304 4.59 20.69 -15.09
CA ILE A 304 4.18 19.29 -15.00
C ILE A 304 3.55 18.86 -16.32
N PRO A 305 3.89 17.65 -16.82
CA PRO A 305 3.32 17.18 -18.09
C PRO A 305 1.80 17.24 -18.09
N ALA A 306 1.23 17.54 -19.26
CA ALA A 306 -0.21 17.66 -19.45
C ALA A 306 -1.03 16.42 -19.06
N GLU A 307 -0.43 15.24 -19.21
CA GLU A 307 -1.13 14.01 -18.86
C GLU A 307 -1.54 13.96 -17.39
N ALA A 308 -0.83 14.71 -16.55
CA ALA A 308 -1.10 14.73 -15.11
C ALA A 308 -2.47 15.31 -14.79
N ASN A 309 -3.06 15.99 -15.77
CA ASN A 309 -4.36 16.62 -15.60
C ASN A 309 -5.38 15.95 -16.53
N ILE A 310 -4.92 14.99 -17.30
CA ILE A 310 -5.78 14.29 -18.25
C ILE A 310 -6.33 12.99 -17.68
N PRO A 311 -7.66 12.84 -17.69
CA PRO A 311 -8.31 11.64 -17.17
C PRO A 311 -7.81 10.44 -17.96
N ILE A 312 -7.69 9.28 -17.31
CA ILE A 312 -7.24 8.11 -18.05
C ILE A 312 -8.44 7.46 -18.72
N PRO A 313 -8.37 7.30 -20.05
CA PRO A 313 -9.47 6.69 -20.82
C PRO A 313 -9.67 5.23 -20.41
N VAL A 314 -10.94 4.83 -20.23
CA VAL A 314 -11.25 3.46 -19.85
C VAL A 314 -10.89 2.50 -20.97
CU CU B . -11.61 -2.90 -1.44
CU CU C . -8.31 6.43 2.34
NI NI D . 19.32 2.27 -12.85
O1 OXY E . -8.91 4.90 3.66
O2 OXY E . -9.12 5.37 4.79
CAN IYT F . -4.10 10.51 5.82
CN IYT F . -3.77 9.52 4.72
ON IYT F . -3.61 9.92 3.56
N IYT F . -3.63 8.23 5.06
CA IYT F . -3.37 7.24 4.03
CA IYT F . -3.31 7.20 4.07
CB IYT F . -1.86 7.04 3.83
CB IYT F . -1.82 6.85 4.12
CG IYT F . -1.09 6.32 4.90
CG IYT F . -1.35 6.26 5.43
CD1 IYT F . -0.60 5.04 4.67
CD1 IYT F . -1.87 5.05 5.93
CE1 IYT F . 0.21 4.39 5.59
CE1 IYT F . -1.40 4.50 7.13
CD2 IYT F . -0.76 6.95 6.11
CD2 IYT F . -0.34 6.90 6.15
CE2 IYT F . 0.05 6.31 7.04
CE2 IYT F . 0.15 6.39 7.33
CZ IYT F . 0.55 5.03 6.77
CZ IYT F . -0.38 5.17 7.85
OH IYT F . 1.42 4.40 7.64
OH IYT F . 0.08 4.67 9.05
I1 IYT F . 0.90 2.49 5.17
I1 IYT F . -2.19 2.67 7.82
I2 IYT F . 0.48 7.26 8.83
I2 IYT F . 1.69 7.39 8.29
C IYT F . -4.12 5.93 4.25
O IYT F . -4.62 5.65 5.35
NT IYT F . -4.23 5.15 3.17
CAT IYT F . -4.96 3.89 3.11
CBT IYT F . -4.57 2.91 4.25
OGT IYT F . -3.23 2.44 4.05
CGT IYT F . -5.51 1.71 4.26
CT IYT F . -4.71 3.22 1.75
OX1 IYT F . -5.54 2.38 1.33
OX2 IYT F . -3.68 3.56 1.12
CAN IYT G . 5.35 -24.51 -4.35
CN IYT G . 5.71 -23.18 -3.70
ON IYT G . 4.84 -22.39 -3.35
N IYT G . 7.02 -22.93 -3.56
CA IYT G . 7.52 -21.70 -2.95
CB IYT G . 7.51 -21.83 -1.44
CG IYT G . 6.24 -21.40 -0.79
CD1 IYT G . 5.87 -20.06 -0.72
CE1 IYT G . 4.68 -19.66 -0.11
CD2 IYT G . 5.40 -22.36 -0.22
CE2 IYT G . 4.22 -22.00 0.40
CZ IYT G . 3.85 -20.65 0.46
OH IYT G . 2.65 -20.30 1.04
I1 IYT G . 4.18 -17.64 -0.03
I2 IYT G . 3.07 -23.47 1.27
C IYT G . 8.95 -21.38 -3.38
O IYT G . 9.20 -20.78 -4.43
NT IYT G . 9.88 -21.78 -2.51
CAT IYT G . 11.31 -21.57 -2.68
CBT IYT G . 11.79 -21.92 -4.10
OGT IYT G . 11.60 -23.32 -4.35
CGT IYT G . 13.26 -21.58 -4.27
CT IYT G . 11.98 -22.49 -1.66
OX1 IYT G . 12.86 -22.02 -0.90
OX2 IYT G . 11.60 -23.69 -1.63
CAN IYT H . 15.54 -17.22 15.40
CN IYT H . 16.35 -18.51 15.31
ON IYT H . 16.91 -18.95 16.32
N IYT H . 16.39 -19.10 14.12
CA IYT H . 17.13 -20.35 13.89
CB IYT H . 17.37 -20.59 12.39
CG IYT H . 16.35 -19.99 11.46
CD1 IYT H . 16.16 -18.61 11.39
CE1 IYT H . 15.25 -18.05 10.52
CD2 IYT H . 15.58 -20.80 10.64
CE2 IYT H . 14.66 -20.26 9.77
CZ IYT H . 14.50 -18.88 9.70
OH IYT H . 13.60 -18.34 8.79
I1 IYT H . 15.00 -15.99 10.48
I2 IYT H . 13.52 -21.51 8.63
C IYT H . 18.50 -20.30 14.56
O IYT H . 19.12 -19.24 14.62
NT IYT H . 18.95 -21.47 15.02
CAT IYT H . 20.24 -21.67 15.68
CBT IYT H . 20.93 -20.34 16.10
OGT IYT H . 21.39 -19.64 14.94
CGT IYT H . 22.11 -20.62 17.02
CT IYT H . 21.18 -22.41 14.74
OX1 IYT H . 21.77 -23.42 15.18
OX2 IYT H . 21.31 -21.98 13.58
C1 GOL I . 21.47 3.08 -14.34
O1 GOL I . 20.21 2.76 -14.89
C2 GOL I . 21.35 4.16 -13.25
O2 GOL I . 20.51 3.70 -12.18
C3 GOL I . 22.77 4.46 -12.73
O3 GOL I . 22.78 5.57 -11.85
C1 GOL J . 4.97 -6.92 -3.45
O1 GOL J . 3.90 -6.34 -2.75
C2 GOL J . 4.63 -6.97 -4.95
O2 GOL J . 3.41 -7.68 -5.12
C3 GOL J . 4.45 -5.57 -5.54
O3 GOL J . 4.11 -5.63 -6.93
C1 GOL K . 9.26 -3.52 5.85
O1 GOL K . 10.16 -2.92 4.93
C2 GOL K . 8.98 -2.59 7.03
O2 GOL K . 7.83 -3.10 7.72
C3 GOL K . 10.18 -2.53 8.02
O3 GOL K . 10.47 -3.80 8.61
C1 GOL L . 14.12 11.28 1.64
O1 GOL L . 15.42 11.71 1.29
C2 GOL L . 13.11 12.43 1.49
O2 GOL L . 12.74 12.57 0.11
C3 GOL L . 11.86 12.15 2.33
O3 GOL L . 11.01 13.29 2.38
C1 GOL M . 8.60 -6.19 -11.62
O1 GOL M . 7.38 -6.20 -12.34
C2 GOL M . 9.67 -5.38 -12.33
O2 GOL M . 9.24 -4.00 -12.42
C3 GOL M . 10.97 -5.50 -11.53
O3 GOL M . 12.06 -4.88 -12.17
C1 GOL N . 5.94 4.90 4.42
O1 GOL N . 7.33 4.98 4.21
C2 GOL N . 5.41 3.57 3.90
O2 GOL N . 5.96 2.47 4.66
C3 GOL N . 3.90 3.56 4.01
O3 GOL N . 3.41 2.34 3.53
#